data_8R4C
#
_entry.id   8R4C
#
_cell.length_a   1.00
_cell.length_b   1.00
_cell.length_c   1.00
_cell.angle_alpha   90.00
_cell.angle_beta   90.00
_cell.angle_gamma   90.00
#
_symmetry.space_group_name_H-M   'P 1'
#
loop_
_entity.id
_entity.type
_entity.pdbx_description
1 polymer NbRoco2
2 polymer 'Rab family protein'
#
loop_
_entity_poly.entity_id
_entity_poly.type
_entity_poly.pdbx_seq_one_letter_code
_entity_poly.pdbx_strand_id
1 'polypeptide(L)'
;QVQLQESGGGLVQPGGSLRLSCAASGKLLSINVMGWYRQAPGKQRELVASITTGGRINYADSVKGRFTITRDNAKNTVYL
QMDSLKPEDTAVYYCNADGIIAGLYQNDHWGQGTQVTVSSHHHHHHEPEA
;
C
2 'polypeptide(L)'
;GAMGSMSDLDVIRQIEQELGMQLEPVDKLKWYSKGYKLDKDQRVTAIGLYDCGSDTLDRIIQPLESLKSLSELSLSSNQI
TDISPLASLNSLSMLWLDRNQITDIAPLASLNSLSMLWLFGNKISDIAPLESLKSLTELQLSSNQITDIAPLASLKSLTE
LSLSGNNISDIAPLESLKSLTELSLSSNQITDIAPLASLKSLTELSLSSNQISDIAPLESLKSLTELQLSRNQISDIAPL
ESLKSLTELQLSSNQITDIAPLASLKSLTELQLSRNQISDIAPLESLNSLSKLWLNGNQITDIAPLASLNSLTELELSSN
QITDIAPLASLKSLSTLWLSSNQISDIAPLASLESLSELSLSSNQISDISPLASLNSLTGFDVRRNPIKRLPETITGFDM
EILWNDFSSSGFITFFDNPLESPPPEIVKQGKEAVRQYFQSIEEARSKGEALVHLQEIKVHLIGDGMAGKTSLLKQLIGE
TFDPKESQTHGLNVVTKQAPNIKGLENDDELKECLFHFWDFGGQEIMHASHQFFMTRSSVYMLLLDSRTDSNKHYWLRHI
EKYGGKSPVIVVMNKIDENPSYNIEQKKINERFPAIENRFHRISCKNGDGVESIAKSLKSAVLHPDSIYGTPLAPSWIKV
KEKLVEATTAQRYLNRTEVEKICNDSGITDPGERKTLLGYLNNLGIVLYFEALDLSEIYVLDPHWVTIGVYRIINSSKTK
NGHLNTSALGYILNEEQIRCDEYDPAKNNKFTYTLLEQRYLLDIMKQFELCYDEGKGLFIIPSNLPTQIDNEPEITEGEP
LRFIMKYDYLPSTIIPRLMIAMQHQILDRMQWRYGMVLKSQDHEGALAKVVAETKDSTITIAIQGEPRCKREYLSIIWYE
IKKINANFTNLDVKEFIPLPGHPDELVEYKELLGLEKMGRDEYVSGKLEKVFSVSKMLDSVISKEERNKERLMGDINIKL
ENIGNPTIPIHQQVEVNVSQETVQHVENLQGFFENLKADILREAELEIDDPKERKRLANELELAENAITKMDAAVKSGKN
KLKPDVKDRLGEFIDNLANENSRLRKGIALVMNGAEKVQKLARYYNNVAPFFDLPSVPPVLLGKEKT
;
A
#
# COMPACT_ATOMS: atom_id res chain seq x y z
N GLN A 3 0.88 2.01 0.53
CA GLN A 3 0.83 1.88 1.97
C GLN A 3 -0.16 2.86 2.58
N LEU A 4 -0.63 2.54 3.78
CA LEU A 4 -1.61 3.36 4.49
C LEU A 4 -0.94 4.04 5.67
N GLN A 5 -1.09 5.35 5.77
CA GLN A 5 -0.52 6.14 6.85
C GLN A 5 -1.64 6.63 7.75
N GLU A 6 -1.49 6.42 9.06
CA GLU A 6 -2.51 6.75 10.04
C GLU A 6 -2.05 7.89 10.94
N SER A 7 -2.95 8.83 11.18
CA SER A 7 -2.68 9.98 12.03
C SER A 7 -3.71 10.04 13.14
N GLY A 8 -3.24 10.13 14.38
CA GLY A 8 -4.13 10.23 15.52
C GLY A 8 -3.69 9.37 16.70
N GLY A 9 -4.64 8.96 17.51
CA GLY A 9 -4.35 8.10 18.64
C GLY A 9 -3.83 8.89 19.83
N GLY A 10 -3.87 8.24 20.98
CA GLY A 10 -3.45 8.89 22.21
C GLY A 10 -4.26 8.38 23.38
N LEU A 11 -4.11 9.07 24.51
CA LEU A 11 -4.80 8.74 25.75
C LEU A 11 -5.92 9.74 25.96
N VAL A 12 -7.15 9.23 26.05
CA VAL A 12 -8.34 10.06 26.19
C VAL A 12 -9.12 9.60 27.40
N GLN A 13 -9.65 10.55 28.16
CA GLN A 13 -10.50 10.22 29.30
C GLN A 13 -11.77 9.54 28.80
N PRO A 14 -12.40 8.69 29.63
CA PRO A 14 -13.62 8.03 29.18
C PRO A 14 -14.73 9.04 28.88
N GLY A 15 -15.48 8.75 27.82
CA GLY A 15 -16.45 9.68 27.31
C GLY A 15 -15.91 10.72 26.36
N GLY A 16 -14.61 10.73 26.12
CA GLY A 16 -14.00 11.69 25.21
C GLY A 16 -14.27 11.40 23.75
N SER A 17 -13.40 11.89 22.87
CA SER A 17 -13.58 11.70 21.45
C SER A 17 -12.22 11.68 20.76
N LEU A 18 -12.20 11.12 19.56
CA LEU A 18 -10.98 11.01 18.78
C LEU A 18 -11.34 10.97 17.30
N ARG A 19 -10.36 11.32 16.46
CA ARG A 19 -10.54 11.29 15.01
C ARG A 19 -9.29 10.66 14.42
N LEU A 20 -9.38 9.38 14.09
CA LEU A 20 -8.26 8.68 13.46
C LEU A 20 -8.36 8.85 11.95
N SER A 21 -7.33 9.43 11.35
CA SER A 21 -7.27 9.61 9.90
C SER A 21 -6.39 8.53 9.28
N CYS A 22 -6.74 8.15 8.06
CA CYS A 22 -6.02 7.12 7.34
C CYS A 22 -5.97 7.50 5.88
N ALA A 23 -4.77 7.75 5.37
CA ALA A 23 -4.55 8.15 3.99
C ALA A 23 -3.79 7.06 3.26
N ALA A 24 -4.29 6.67 2.09
CA ALA A 24 -3.65 5.68 1.24
C ALA A 24 -2.72 6.38 0.27
N SER A 25 -1.52 5.83 0.10
CA SER A 25 -0.56 6.43 -0.82
C SER A 25 -1.08 6.39 -2.25
N GLY A 26 -0.43 7.16 -3.12
CA GLY A 26 -0.79 7.17 -4.52
C GLY A 26 -0.53 5.86 -5.21
N LYS A 27 0.25 4.97 -4.60
CA LYS A 27 0.49 3.65 -5.18
C LYS A 27 -0.77 2.81 -5.18
N LEU A 28 -1.59 2.93 -4.15
CA LEU A 28 -2.83 2.16 -4.06
C LEU A 28 -3.86 2.77 -5.00
N LEU A 29 -4.38 1.96 -5.92
CA LEU A 29 -5.07 2.49 -7.10
C LEU A 29 -6.58 2.36 -7.03
N SER A 30 -7.11 1.15 -6.88
CA SER A 30 -8.54 0.89 -7.02
C SER A 30 -9.08 0.38 -5.69
N ILE A 31 -9.51 1.30 -4.84
CA ILE A 31 -9.98 0.97 -3.50
C ILE A 31 -11.48 0.72 -3.55
N ASN A 32 -11.89 -0.51 -3.21
CA ASN A 32 -13.30 -0.80 -3.04
C ASN A 32 -13.71 -0.66 -1.58
N VAL A 33 -13.11 -1.45 -0.70
CA VAL A 33 -13.45 -1.48 0.72
C VAL A 33 -12.28 -0.91 1.52
N MET A 34 -12.59 0.00 2.42
CA MET A 34 -11.58 0.55 3.33
C MET A 34 -12.21 0.77 4.70
N GLY A 35 -11.47 0.46 5.75
CA GLY A 35 -12.05 0.46 7.07
C GLY A 35 -11.02 0.31 8.17
N TRP A 36 -11.56 0.07 9.38
CA TRP A 36 -10.82 0.08 10.64
C TRP A 36 -11.06 -1.21 11.40
N TYR A 37 -9.98 -1.73 12.00
CA TYR A 37 -9.92 -2.96 12.81
C TYR A 37 -9.23 -2.65 14.13
N ARG A 38 -9.33 -3.55 15.11
CA ARG A 38 -8.71 -3.34 16.41
C ARG A 38 -8.00 -4.60 16.91
N GLN A 39 -6.98 -4.38 17.74
CA GLN A 39 -6.34 -5.43 18.53
C GLN A 39 -6.30 -5.01 19.99
N ALA A 40 -7.03 -5.73 20.83
CA ALA A 40 -6.93 -5.59 22.27
C ALA A 40 -5.78 -6.47 22.78
N PRO A 41 -5.24 -6.14 23.94
CA PRO A 41 -4.18 -7.00 24.52
C PRO A 41 -4.72 -8.39 24.81
N GLY A 42 -4.07 -9.39 24.24
CA GLY A 42 -4.52 -10.77 24.38
C GLY A 42 -5.86 -11.05 23.72
N LYS A 43 -6.06 -10.54 22.51
CA LYS A 43 -7.29 -10.77 21.77
C LYS A 43 -6.93 -10.96 20.30
N GLN A 44 -7.94 -10.93 19.43
CA GLN A 44 -7.77 -11.11 18.01
C GLN A 44 -8.27 -9.88 17.26
N ARG A 45 -7.85 -9.75 16.01
CA ARG A 45 -8.31 -8.65 15.17
C ARG A 45 -9.79 -8.80 14.86
N GLU A 46 -10.51 -7.68 14.93
CA GLU A 46 -11.94 -7.66 14.68
C GLU A 46 -12.31 -6.38 13.95
N LEU A 47 -13.23 -6.48 13.02
CA LEU A 47 -13.65 -5.33 12.24
C LEU A 47 -14.31 -4.30 13.14
N VAL A 48 -14.00 -3.03 12.90
CA VAL A 48 -14.76 -1.93 13.46
C VAL A 48 -15.69 -1.33 12.44
N ALA A 49 -15.16 -0.96 11.28
CA ALA A 49 -15.98 -0.32 10.27
C ALA A 49 -15.42 -0.58 8.88
N SER A 50 -16.32 -0.66 7.90
CA SER A 50 -15.93 -0.81 6.51
C SER A 50 -16.83 0.03 5.64
N ILE A 51 -16.26 0.72 4.67
CA ILE A 51 -17.03 1.51 3.73
C ILE A 51 -16.55 1.20 2.32
N THR A 52 -17.47 1.31 1.36
CA THR A 52 -17.24 0.96 -0.02
C THR A 52 -17.35 2.19 -0.91
N THR A 53 -16.82 2.07 -2.14
CA THR A 53 -16.89 3.15 -3.10
C THR A 53 -18.33 3.53 -3.42
N GLY A 54 -19.27 2.58 -3.32
CA GLY A 54 -20.65 2.87 -3.61
C GLY A 54 -21.42 3.50 -2.48
N GLY A 55 -20.93 3.40 -1.25
CA GLY A 55 -21.61 3.98 -0.11
C GLY A 55 -22.35 2.97 0.73
N ARG A 56 -21.74 1.82 0.98
CA ARG A 56 -22.28 0.81 1.88
C ARG A 56 -21.38 0.72 3.12
N ILE A 57 -22.00 0.81 4.29
CA ILE A 57 -21.29 0.85 5.56
C ILE A 57 -21.57 -0.43 6.33
N ASN A 58 -20.51 -1.07 6.82
CA ASN A 58 -20.60 -2.27 7.62
C ASN A 58 -20.01 -1.97 9.00
N TYR A 59 -20.81 -2.14 10.04
CA TYR A 59 -20.43 -1.85 11.41
C TYR A 59 -20.29 -3.14 12.20
N ALA A 60 -19.57 -3.06 13.32
CA ALA A 60 -19.15 -4.24 14.05
C ALA A 60 -20.22 -4.84 14.94
N ASP A 61 -21.38 -4.19 15.07
CA ASP A 61 -22.48 -4.55 15.96
C ASP A 61 -22.13 -4.39 17.42
N SER A 62 -20.88 -4.02 17.75
CA SER A 62 -20.50 -3.64 19.10
C SER A 62 -20.21 -2.15 19.23
N VAL A 63 -19.83 -1.49 18.14
CA VAL A 63 -19.67 -0.05 18.10
C VAL A 63 -20.75 0.61 17.26
N LYS A 64 -21.89 -0.05 17.10
CA LYS A 64 -23.00 0.52 16.34
C LYS A 64 -23.53 1.76 17.06
N GLY A 65 -23.77 2.82 16.29
CA GLY A 65 -24.23 4.06 16.86
C GLY A 65 -23.21 4.79 17.71
N ARG A 66 -21.96 4.31 17.73
CA ARG A 66 -20.91 4.91 18.54
C ARG A 66 -19.78 5.48 17.68
N PHE A 67 -19.22 4.67 16.78
CA PHE A 67 -18.17 5.13 15.88
C PHE A 67 -18.79 5.50 14.54
N THR A 68 -18.19 6.48 13.87
CA THR A 68 -18.65 6.94 12.57
C THR A 68 -17.49 6.87 11.59
N ILE A 69 -17.75 6.27 10.43
CA ILE A 69 -16.75 6.18 9.37
C ILE A 69 -17.15 7.14 8.26
N THR A 70 -16.17 7.91 7.78
CA THR A 70 -16.37 8.79 6.64
C THR A 70 -15.23 8.59 5.66
N ARG A 71 -15.53 8.79 4.38
CA ARG A 71 -14.51 8.58 3.36
C ARG A 71 -14.57 9.67 2.30
N ASP A 72 -13.39 10.03 1.81
CA ASP A 72 -13.23 10.82 0.60
C ASP A 72 -12.61 9.93 -0.47
N ASN A 73 -13.28 9.83 -1.61
CA ASN A 73 -12.84 9.02 -2.73
C ASN A 73 -11.87 9.75 -3.64
N ALA A 74 -12.02 11.06 -3.78
CA ALA A 74 -11.07 11.85 -4.56
C ALA A 74 -9.66 11.71 -4.00
N LYS A 75 -9.48 12.15 -2.75
CA LYS A 75 -8.28 11.84 -1.99
C LYS A 75 -8.62 10.67 -1.09
N ASN A 76 -8.00 9.52 -1.33
CA ASN A 76 -8.47 8.27 -0.75
C ASN A 76 -8.23 8.25 0.76
N THR A 77 -9.16 8.81 1.52
CA THR A 77 -8.95 8.98 2.94
C THR A 77 -10.17 8.49 3.72
N VAL A 78 -9.92 7.79 4.82
CA VAL A 78 -10.99 7.45 5.77
C VAL A 78 -10.73 8.13 7.10
N TYR A 79 -11.82 8.50 7.76
CA TYR A 79 -11.79 9.10 9.07
C TYR A 79 -12.72 8.32 9.99
N LEU A 80 -12.20 7.91 11.13
CA LEU A 80 -13.00 7.29 12.19
C LEU A 80 -13.20 8.32 13.28
N GLN A 81 -14.42 8.83 13.40
CA GLN A 81 -14.79 9.71 14.49
C GLN A 81 -15.39 8.86 15.61
N MET A 82 -14.73 8.83 16.76
CA MET A 82 -15.08 7.94 17.84
C MET A 82 -15.44 8.74 19.07
N ASP A 83 -16.61 8.47 19.64
CA ASP A 83 -17.12 9.23 20.77
C ASP A 83 -17.63 8.28 21.85
N SER A 84 -17.59 8.75 23.09
CA SER A 84 -18.03 7.98 24.26
C SER A 84 -17.26 6.66 24.34
N LEU A 85 -15.93 6.77 24.39
CA LEU A 85 -15.06 5.62 24.36
C LEU A 85 -15.07 4.93 25.71
N LYS A 86 -15.76 3.80 25.81
CA LYS A 86 -15.73 3.00 27.01
C LYS A 86 -14.35 2.37 27.17
N PRO A 87 -13.94 2.06 28.41
CA PRO A 87 -12.57 1.60 28.64
C PRO A 87 -12.26 0.23 28.05
N GLU A 88 -13.20 -0.41 27.37
CA GLU A 88 -12.91 -1.66 26.66
C GLU A 88 -12.28 -1.42 25.30
N ASP A 89 -12.13 -0.16 24.90
CA ASP A 89 -11.57 0.20 23.60
C ASP A 89 -10.09 0.49 23.66
N THR A 90 -9.44 0.24 24.80
CA THR A 90 -8.02 0.56 24.97
C THR A 90 -7.21 -0.43 24.15
N ALA A 91 -7.06 -0.11 22.86
CA ALA A 91 -6.49 -1.07 21.92
C ALA A 91 -5.50 -0.42 20.97
N VAL A 92 -5.08 -1.18 19.96
CA VAL A 92 -4.30 -0.64 18.86
C VAL A 92 -5.12 -0.83 17.59
N TYR A 93 -5.42 0.28 16.92
CA TYR A 93 -6.30 0.26 15.76
C TYR A 93 -5.49 0.19 14.49
N TYR A 94 -5.99 -0.56 13.52
CA TYR A 94 -5.31 -0.80 12.25
C TYR A 94 -6.24 -0.44 11.11
N CYS A 95 -5.63 -0.11 9.98
CA CYS A 95 -6.34 0.23 8.76
C CYS A 95 -6.35 -0.95 7.81
N ASN A 96 -7.51 -1.23 7.23
CA ASN A 96 -7.67 -2.29 6.24
C ASN A 96 -8.14 -1.65 4.95
N ALA A 97 -7.56 -2.08 3.84
CA ALA A 97 -7.98 -1.61 2.53
C ALA A 97 -7.89 -2.75 1.53
N ASP A 98 -8.64 -2.62 0.44
CA ASP A 98 -8.44 -3.49 -0.71
C ASP A 98 -8.12 -2.61 -1.91
N GLY A 99 -7.26 -3.11 -2.79
CA GLY A 99 -6.86 -2.31 -3.94
C GLY A 99 -5.64 -2.90 -4.62
N ILE A 100 -5.01 -2.08 -5.45
CA ILE A 100 -3.95 -2.52 -6.34
C ILE A 100 -2.71 -1.67 -6.11
N ILE A 101 -1.58 -2.32 -5.87
CA ILE A 101 -0.28 -1.68 -5.90
C ILE A 101 0.55 -2.36 -6.98
N ALA A 102 1.02 -1.56 -7.95
CA ALA A 102 1.84 -2.06 -9.05
C ALA A 102 1.20 -3.26 -9.73
N GLY A 103 -0.10 -3.17 -9.99
CA GLY A 103 -0.79 -4.20 -10.74
C GLY A 103 -1.18 -5.44 -9.97
N LEU A 104 -0.91 -5.50 -8.68
CA LEU A 104 -1.27 -6.63 -7.85
C LEU A 104 -2.37 -6.25 -6.87
N TYR A 105 -3.37 -7.11 -6.74
CA TYR A 105 -4.55 -6.85 -5.92
C TYR A 105 -4.57 -7.78 -4.71
N GLN A 106 -4.66 -7.20 -3.52
CA GLN A 106 -4.92 -7.94 -2.29
C GLN A 106 -6.09 -7.29 -1.57
N ASN A 107 -6.97 -8.12 -1.02
CA ASN A 107 -8.12 -7.62 -0.28
C ASN A 107 -7.77 -7.15 1.12
N ASP A 108 -6.51 -7.30 1.55
CA ASP A 108 -6.11 -6.95 2.92
C ASP A 108 -4.76 -6.24 2.88
N HIS A 109 -4.80 -4.91 2.78
CA HIS A 109 -3.63 -4.06 2.98
C HIS A 109 -3.78 -3.40 4.34
N TRP A 110 -2.78 -3.58 5.20
CA TRP A 110 -2.84 -3.16 6.59
C TRP A 110 -1.94 -1.96 6.83
N GLY A 111 -2.34 -1.14 7.81
CA GLY A 111 -1.50 -0.06 8.29
C GLY A 111 -0.59 -0.51 9.42
N GLN A 112 0.15 0.46 9.96
CA GLN A 112 1.07 0.15 11.05
C GLN A 112 0.33 -0.02 12.38
N GLY A 113 -0.73 0.73 12.58
CA GLY A 113 -1.45 0.65 13.84
C GLY A 113 -1.15 1.84 14.73
N THR A 114 -2.13 2.22 15.54
CA THR A 114 -2.01 3.37 16.40
C THR A 114 -2.73 3.09 17.71
N GLN A 115 -2.09 3.45 18.83
CA GLN A 115 -2.63 3.11 20.14
C GLN A 115 -3.66 4.13 20.59
N VAL A 116 -4.82 3.63 21.01
CA VAL A 116 -5.84 4.44 21.64
C VAL A 116 -6.05 3.90 23.05
N THR A 117 -5.86 4.74 24.05
CA THR A 117 -6.00 4.33 25.45
C THR A 117 -7.05 5.18 26.14
N VAL A 118 -7.73 4.57 27.09
CA VAL A 118 -8.78 5.26 27.85
C VAL A 118 -8.56 5.08 29.35
N ASP B 8 -32.72 2.38 -24.98
CA ASP B 8 -33.86 3.26 -24.80
C ASP B 8 -34.06 3.60 -23.32
N LEU B 9 -34.50 4.84 -23.06
CA LEU B 9 -34.78 5.24 -21.70
C LEU B 9 -35.89 4.39 -21.08
N ASP B 10 -36.78 3.84 -21.91
CA ASP B 10 -37.76 2.88 -21.39
C ASP B 10 -37.07 1.63 -20.84
N VAL B 11 -36.06 1.13 -21.57
CA VAL B 11 -35.29 -0.01 -21.08
C VAL B 11 -34.54 0.34 -19.80
N ILE B 12 -33.98 1.56 -19.76
CA ILE B 12 -33.28 2.00 -18.56
C ILE B 12 -34.22 2.07 -17.37
N ARG B 13 -35.43 2.58 -17.57
CA ARG B 13 -36.41 2.63 -16.49
C ARG B 13 -36.85 1.23 -16.07
N GLN B 14 -36.96 0.32 -17.04
CA GLN B 14 -37.28 -1.06 -16.70
C GLN B 14 -36.22 -1.66 -15.79
N ILE B 15 -34.95 -1.48 -16.14
CA ILE B 15 -33.86 -1.94 -15.30
C ILE B 15 -33.91 -1.26 -13.94
N GLU B 16 -34.25 0.03 -13.92
CA GLU B 16 -34.30 0.78 -12.67
C GLU B 16 -35.34 0.21 -11.72
N GLN B 17 -36.54 -0.13 -12.23
CA GLN B 17 -37.54 -0.61 -11.27
C GLN B 17 -37.27 -2.07 -10.92
N GLU B 18 -36.65 -2.82 -11.84
CA GLU B 18 -36.29 -4.20 -11.52
C GLU B 18 -35.24 -4.25 -10.40
N LEU B 19 -34.27 -3.36 -10.44
CA LEU B 19 -33.25 -3.30 -9.39
C LEU B 19 -33.60 -2.33 -8.26
N GLY B 20 -34.57 -1.45 -8.46
CA GLY B 20 -34.87 -0.45 -7.44
C GLY B 20 -33.72 0.47 -7.16
N MET B 21 -32.88 0.74 -8.16
CA MET B 21 -31.72 1.60 -8.02
C MET B 21 -31.80 2.73 -9.03
N GLN B 22 -31.44 3.93 -8.58
CA GLN B 22 -31.57 5.14 -9.38
C GLN B 22 -30.38 5.25 -10.32
N LEU B 23 -30.53 4.69 -11.52
CA LEU B 23 -29.54 4.90 -12.57
C LEU B 23 -29.58 6.36 -13.03
N GLU B 24 -28.40 6.93 -13.23
CA GLU B 24 -28.27 8.36 -13.45
C GLU B 24 -27.60 8.64 -14.79
N PRO B 25 -28.12 9.57 -15.60
CA PRO B 25 -27.40 9.99 -16.81
C PRO B 25 -26.05 10.56 -16.45
N VAL B 26 -25.00 9.87 -16.90
CA VAL B 26 -23.64 10.14 -16.47
C VAL B 26 -22.76 10.30 -17.72
N ASP B 27 -21.47 10.47 -17.48
CA ASP B 27 -20.44 10.67 -18.50
C ASP B 27 -19.52 9.46 -18.48
N LYS B 28 -18.38 9.59 -19.18
CA LYS B 28 -17.48 8.48 -19.47
C LYS B 28 -17.43 7.47 -18.32
N LEU B 29 -17.65 6.20 -18.67
CA LEU B 29 -17.95 5.19 -17.67
C LEU B 29 -16.71 4.81 -16.88
N LYS B 30 -16.91 4.52 -15.60
CA LYS B 30 -15.87 4.07 -14.69
C LYS B 30 -16.29 2.74 -14.06
N TRP B 31 -15.31 2.06 -13.46
CA TRP B 31 -15.58 0.76 -12.86
C TRP B 31 -16.55 0.85 -11.71
N TYR B 32 -16.69 2.01 -11.07
CA TYR B 32 -17.61 2.20 -9.96
C TYR B 32 -18.84 3.01 -10.36
N SER B 33 -19.20 2.99 -11.64
CA SER B 33 -20.29 3.80 -12.16
C SER B 33 -21.60 3.03 -12.10
N LYS B 34 -22.69 3.76 -11.84
CA LYS B 34 -24.01 3.16 -11.68
C LYS B 34 -25.06 3.90 -12.49
N GLY B 35 -24.69 4.38 -13.68
CA GLY B 35 -25.59 5.10 -14.55
C GLY B 35 -25.46 4.63 -15.98
N TYR B 36 -25.72 5.57 -16.90
CA TYR B 36 -25.72 5.28 -18.32
C TYR B 36 -25.19 6.47 -19.09
N LYS B 37 -24.81 6.22 -20.34
CA LYS B 37 -24.32 7.24 -21.24
C LYS B 37 -25.15 7.24 -22.52
N LEU B 38 -25.58 8.41 -22.96
CA LEU B 38 -26.40 8.58 -24.14
C LEU B 38 -25.54 8.92 -25.35
N ASP B 39 -26.18 9.31 -26.44
CA ASP B 39 -25.48 9.57 -27.70
C ASP B 39 -26.23 10.69 -28.42
N LYS B 40 -25.95 10.83 -29.73
CA LYS B 40 -26.54 11.91 -30.51
C LYS B 40 -28.07 11.88 -30.45
N ASP B 41 -28.67 10.79 -30.92
CA ASP B 41 -30.11 10.63 -30.92
C ASP B 41 -30.61 9.83 -29.71
N GLN B 42 -29.92 9.96 -28.58
CA GLN B 42 -30.33 9.37 -27.30
C GLN B 42 -30.39 7.84 -27.38
N ARG B 43 -29.24 7.25 -27.67
CA ARG B 43 -29.09 5.79 -27.68
C ARG B 43 -28.13 5.36 -26.59
N VAL B 44 -28.51 4.31 -25.86
CA VAL B 44 -27.71 3.83 -24.74
C VAL B 44 -26.50 3.08 -25.26
N THR B 45 -25.32 3.41 -24.73
CA THR B 45 -24.08 2.81 -25.19
C THR B 45 -23.25 2.27 -24.03
N ALA B 46 -23.36 2.90 -22.86
CA ALA B 46 -22.57 2.54 -21.69
C ALA B 46 -23.47 2.45 -20.48
N ILE B 47 -23.36 1.35 -19.73
CA ILE B 47 -24.20 1.08 -18.57
C ILE B 47 -23.33 0.51 -17.45
N GLY B 48 -23.50 1.05 -16.25
CA GLY B 48 -22.78 0.57 -15.09
C GLY B 48 -23.67 0.01 -14.00
N LEU B 49 -23.42 -1.23 -13.59
CA LEU B 49 -24.14 -1.89 -12.50
C LEU B 49 -23.12 -2.28 -11.44
N TYR B 50 -22.79 -1.34 -10.55
CA TYR B 50 -21.80 -1.54 -9.51
C TYR B 50 -22.52 -1.99 -8.24
N ASP B 51 -22.23 -3.21 -7.80
CA ASP B 51 -22.81 -3.78 -6.59
C ASP B 51 -24.34 -3.79 -6.66
N CYS B 52 -24.85 -4.56 -7.63
CA CYS B 52 -26.28 -4.70 -7.86
C CYS B 52 -26.82 -6.02 -7.36
N GLY B 53 -26.06 -6.76 -6.57
CA GLY B 53 -26.47 -8.06 -6.08
C GLY B 53 -25.95 -9.19 -6.95
N SER B 54 -26.06 -10.40 -6.42
CA SER B 54 -25.57 -11.59 -7.10
C SER B 54 -26.52 -12.11 -8.17
N ASP B 55 -27.78 -11.66 -8.18
CA ASP B 55 -28.78 -12.15 -9.12
C ASP B 55 -29.05 -11.15 -10.25
N THR B 56 -28.11 -10.24 -10.50
CA THR B 56 -28.35 -9.19 -11.49
C THR B 56 -28.27 -9.73 -12.92
N LEU B 57 -27.26 -10.54 -13.22
CA LEU B 57 -27.00 -10.91 -14.60
C LEU B 57 -28.13 -11.73 -15.20
N ASP B 58 -28.70 -12.66 -14.42
CA ASP B 58 -29.76 -13.51 -14.93
C ASP B 58 -31.09 -12.78 -15.05
N ARG B 59 -31.19 -11.55 -14.55
CA ARG B 59 -32.45 -10.83 -14.52
C ARG B 59 -32.49 -9.62 -15.45
N ILE B 60 -31.37 -9.25 -16.06
CA ILE B 60 -31.30 -8.04 -16.89
C ILE B 60 -30.97 -8.35 -18.34
N ILE B 61 -30.71 -9.62 -18.68
CA ILE B 61 -30.19 -9.91 -20.01
C ILE B 61 -31.23 -9.66 -21.10
N GLN B 62 -32.51 -9.87 -20.82
CA GLN B 62 -33.53 -9.55 -21.82
C GLN B 62 -33.57 -8.05 -22.13
N PRO B 63 -33.66 -7.15 -21.14
CA PRO B 63 -33.52 -5.73 -21.47
C PRO B 63 -32.17 -5.38 -22.10
N LEU B 64 -31.10 -6.06 -21.71
CA LEU B 64 -29.78 -5.75 -22.25
C LEU B 64 -29.74 -6.05 -23.75
N GLU B 65 -30.21 -7.22 -24.14
CA GLU B 65 -30.29 -7.58 -25.55
C GLU B 65 -31.37 -6.81 -26.29
N SER B 66 -32.33 -6.22 -25.57
CA SER B 66 -33.36 -5.43 -26.23
C SER B 66 -32.76 -4.28 -27.01
N LEU B 67 -31.79 -3.56 -26.43
CA LEU B 67 -31.10 -2.48 -27.10
C LEU B 67 -29.79 -3.00 -27.67
N LYS B 68 -29.53 -2.69 -28.94
CA LYS B 68 -28.38 -3.22 -29.65
C LYS B 68 -27.23 -2.21 -29.75
N SER B 69 -27.30 -1.10 -29.02
CA SER B 69 -26.28 -0.07 -29.08
C SER B 69 -25.35 -0.07 -27.88
N LEU B 70 -25.47 -1.05 -26.98
CA LEU B 70 -24.63 -1.09 -25.79
C LEU B 70 -23.21 -1.50 -26.14
N SER B 71 -22.24 -0.77 -25.58
CA SER B 71 -20.84 -1.07 -25.85
C SER B 71 -19.96 -1.03 -24.62
N GLU B 72 -20.47 -0.68 -23.45
CA GLU B 72 -19.68 -0.63 -22.21
C GLU B 72 -20.53 -1.18 -21.08
N LEU B 73 -20.03 -2.21 -20.39
CA LEU B 73 -20.76 -2.81 -19.28
C LEU B 73 -19.88 -2.89 -18.05
N SER B 74 -20.40 -2.37 -16.93
CA SER B 74 -19.71 -2.46 -15.65
C SER B 74 -20.56 -3.27 -14.68
N LEU B 75 -20.14 -4.49 -14.40
CA LEU B 75 -20.75 -5.36 -13.41
C LEU B 75 -19.76 -5.69 -12.31
N SER B 76 -18.90 -4.73 -11.97
CA SER B 76 -17.82 -4.96 -11.03
C SER B 76 -18.37 -5.13 -9.61
N SER B 77 -17.73 -6.03 -8.86
CA SER B 77 -18.05 -6.27 -7.45
C SER B 77 -19.51 -6.65 -7.22
N ASN B 78 -20.12 -7.29 -8.22
CA ASN B 78 -21.49 -7.78 -8.08
C ASN B 78 -21.57 -9.16 -7.45
N GLN B 79 -20.44 -9.84 -7.28
CA GLN B 79 -20.38 -11.18 -6.69
C GLN B 79 -21.28 -12.16 -7.44
N ILE B 80 -21.05 -12.26 -8.76
CA ILE B 80 -21.79 -13.19 -9.61
C ILE B 80 -20.99 -14.47 -9.77
N THR B 81 -21.70 -15.57 -10.00
CA THR B 81 -21.08 -16.88 -10.18
C THR B 81 -21.19 -17.42 -11.59
N ASP B 82 -22.28 -17.12 -12.30
CA ASP B 82 -22.47 -17.57 -13.68
C ASP B 82 -22.54 -16.35 -14.59
N ILE B 83 -21.78 -16.38 -15.68
CA ILE B 83 -21.81 -15.32 -16.67
C ILE B 83 -22.36 -15.82 -18.01
N SER B 84 -23.07 -16.94 -17.98
CA SER B 84 -23.69 -17.47 -19.19
C SER B 84 -24.57 -16.47 -19.93
N PRO B 85 -25.36 -15.61 -19.28
CA PRO B 85 -26.13 -14.62 -20.04
C PRO B 85 -25.28 -13.66 -20.86
N LEU B 86 -23.99 -13.48 -20.52
CA LEU B 86 -23.13 -12.53 -21.23
C LEU B 86 -22.64 -13.13 -22.55
N ALA B 87 -23.59 -13.48 -23.40
CA ALA B 87 -23.25 -14.12 -24.66
C ALA B 87 -23.83 -13.42 -25.88
N SER B 88 -25.06 -12.92 -25.79
CA SER B 88 -25.73 -12.32 -26.92
C SER B 88 -25.47 -10.82 -27.05
N LEU B 89 -24.76 -10.22 -26.11
CA LEU B 89 -24.49 -8.78 -26.15
C LEU B 89 -23.22 -8.49 -26.94
N ASN B 90 -23.21 -8.95 -28.19
CA ASN B 90 -22.01 -8.93 -29.02
C ASN B 90 -21.55 -7.53 -29.41
N SER B 91 -22.18 -6.48 -28.92
CA SER B 91 -21.82 -5.12 -29.30
C SER B 91 -20.95 -4.42 -28.25
N LEU B 92 -20.42 -5.16 -27.29
CA LEU B 92 -19.65 -4.56 -26.21
C LEU B 92 -18.25 -4.16 -26.67
N SER B 93 -17.63 -3.28 -25.91
CA SER B 93 -16.23 -2.91 -26.09
C SER B 93 -15.44 -2.98 -24.79
N MET B 94 -16.03 -2.62 -23.66
CA MET B 94 -15.38 -2.66 -22.36
C MET B 94 -16.22 -3.42 -21.37
N LEU B 95 -15.58 -4.25 -20.56
CA LEU B 95 -16.28 -5.11 -19.61
C LEU B 95 -15.54 -5.12 -18.28
N TRP B 96 -16.25 -4.75 -17.22
CA TRP B 96 -15.72 -4.78 -15.87
C TRP B 96 -16.39 -5.92 -15.11
N LEU B 97 -15.57 -6.85 -14.62
CA LEU B 97 -16.07 -8.01 -13.87
C LEU B 97 -15.20 -8.28 -12.65
N ASP B 98 -14.77 -7.21 -11.97
CA ASP B 98 -13.92 -7.36 -10.81
C ASP B 98 -14.69 -7.94 -9.62
N ARG B 99 -13.97 -8.70 -8.80
CA ARG B 99 -14.43 -9.08 -7.46
C ARG B 99 -15.79 -9.76 -7.49
N ASN B 100 -15.83 -10.89 -8.22
CA ASN B 100 -16.98 -11.77 -8.26
C ASN B 100 -16.50 -13.20 -8.10
N GLN B 101 -17.43 -14.10 -7.83
CA GLN B 101 -17.09 -15.51 -7.69
C GLN B 101 -17.26 -16.26 -9.01
N ILE B 102 -16.63 -15.74 -10.06
CA ILE B 102 -16.73 -16.32 -11.39
C ILE B 102 -15.64 -17.37 -11.55
N THR B 103 -16.01 -18.54 -12.03
CA THR B 103 -15.08 -19.65 -12.23
C THR B 103 -14.89 -20.02 -13.69
N ASP B 104 -15.96 -19.93 -14.49
CA ASP B 104 -15.91 -20.30 -15.90
C ASP B 104 -16.18 -19.06 -16.75
N ILE B 105 -15.33 -18.84 -17.75
CA ILE B 105 -15.47 -17.72 -18.66
C ILE B 105 -15.84 -18.20 -20.07
N ALA B 106 -16.33 -19.44 -20.18
CA ALA B 106 -16.74 -19.98 -21.47
C ALA B 106 -17.73 -19.11 -22.24
N PRO B 107 -18.75 -18.50 -21.61
CA PRO B 107 -19.63 -17.61 -22.38
C PRO B 107 -18.90 -16.44 -23.03
N LEU B 108 -17.77 -16.00 -22.48
CA LEU B 108 -17.03 -14.90 -23.06
C LEU B 108 -16.25 -15.40 -24.29
N ALA B 109 -17.01 -15.82 -25.30
CA ALA B 109 -16.42 -16.32 -26.52
C ALA B 109 -16.99 -15.63 -27.76
N SER B 110 -18.28 -15.30 -27.71
CA SER B 110 -18.94 -14.69 -28.85
C SER B 110 -18.75 -13.18 -28.94
N LEU B 111 -18.19 -12.56 -27.90
CA LEU B 111 -17.96 -11.11 -27.88
C LEU B 111 -16.76 -10.82 -28.78
N ASN B 112 -17.02 -10.76 -30.09
CA ASN B 112 -15.95 -10.57 -31.06
C ASN B 112 -15.20 -9.27 -30.82
N SER B 113 -15.89 -8.23 -30.35
CA SER B 113 -15.29 -6.94 -30.09
C SER B 113 -15.18 -6.73 -28.58
N LEU B 114 -13.96 -6.57 -28.09
CA LEU B 114 -13.71 -6.20 -26.69
C LEU B 114 -12.32 -5.61 -26.61
N SER B 115 -12.21 -4.39 -26.09
CA SER B 115 -10.93 -3.71 -25.98
C SER B 115 -10.41 -3.62 -24.56
N MET B 116 -11.23 -3.89 -23.55
CA MET B 116 -10.83 -3.76 -22.16
C MET B 116 -11.58 -4.78 -21.32
N LEU B 117 -10.84 -5.60 -20.57
CA LEU B 117 -11.44 -6.64 -19.75
C LEU B 117 -10.82 -6.64 -18.36
N TRP B 118 -11.67 -6.47 -17.34
CA TRP B 118 -11.22 -6.42 -15.95
C TRP B 118 -11.83 -7.59 -15.19
N LEU B 119 -10.97 -8.49 -14.68
CA LEU B 119 -11.45 -9.74 -14.10
C LEU B 119 -10.70 -10.19 -12.85
N PHE B 120 -10.02 -9.30 -12.13
CA PHE B 120 -9.00 -9.78 -11.19
C PHE B 120 -9.63 -10.47 -9.98
N GLY B 121 -10.64 -9.88 -9.38
CA GLY B 121 -11.13 -10.39 -8.11
C GLY B 121 -11.91 -11.68 -8.19
N ASN B 122 -11.69 -12.47 -9.23
CA ASN B 122 -12.51 -13.62 -9.54
C ASN B 122 -11.82 -14.92 -9.11
N LYS B 123 -12.42 -16.04 -9.50
CA LYS B 123 -11.91 -17.38 -9.19
C LYS B 123 -11.60 -18.16 -10.46
N ILE B 124 -11.25 -17.44 -11.54
CA ILE B 124 -11.01 -18.09 -12.82
C ILE B 124 -9.81 -19.01 -12.74
N SER B 125 -9.84 -20.08 -13.54
CA SER B 125 -8.72 -21.00 -13.65
C SER B 125 -8.37 -21.39 -15.08
N ASP B 126 -9.23 -21.12 -16.06
CA ASP B 126 -8.98 -21.47 -17.45
C ASP B 126 -9.31 -20.28 -18.32
N ILE B 127 -8.31 -19.81 -19.07
CA ILE B 127 -8.46 -18.62 -19.90
C ILE B 127 -8.46 -18.98 -21.39
N ALA B 128 -8.76 -20.23 -21.72
CA ALA B 128 -8.96 -20.59 -23.12
C ALA B 128 -10.10 -19.84 -23.79
N PRO B 129 -11.29 -19.68 -23.18
CA PRO B 129 -12.41 -19.09 -23.92
C PRO B 129 -12.12 -17.74 -24.53
N LEU B 130 -11.34 -16.90 -23.86
CA LEU B 130 -10.95 -15.63 -24.44
C LEU B 130 -9.73 -15.77 -25.36
N GLU B 131 -9.79 -16.76 -26.25
CA GLU B 131 -8.80 -16.90 -27.31
C GLU B 131 -9.20 -16.18 -28.59
N SER B 132 -10.49 -15.98 -28.82
CA SER B 132 -10.99 -15.29 -30.00
C SER B 132 -11.17 -13.80 -29.80
N LEU B 133 -10.92 -13.29 -28.60
CA LEU B 133 -10.99 -11.85 -28.35
C LEU B 133 -9.78 -11.18 -29.00
N LYS B 134 -9.94 -10.71 -30.22
CA LYS B 134 -8.80 -10.27 -31.01
C LYS B 134 -8.28 -8.91 -30.54
N SER B 135 -9.15 -7.90 -30.54
CA SER B 135 -8.71 -6.52 -30.36
C SER B 135 -8.81 -6.08 -28.90
N LEU B 136 -8.12 -6.82 -28.04
CA LEU B 136 -8.01 -6.47 -26.63
C LEU B 136 -6.80 -5.57 -26.41
N THR B 137 -6.96 -4.58 -25.55
CA THR B 137 -5.88 -3.66 -25.22
C THR B 137 -5.56 -3.59 -23.73
N GLU B 138 -6.43 -4.11 -22.87
CA GLU B 138 -6.22 -4.07 -21.43
C GLU B 138 -6.76 -5.36 -20.82
N LEU B 139 -5.92 -6.05 -20.04
CA LEU B 139 -6.35 -7.28 -19.37
C LEU B 139 -5.91 -7.24 -17.91
N GLN B 140 -6.89 -7.31 -17.01
CA GLN B 140 -6.63 -7.44 -15.58
C GLN B 140 -7.03 -8.86 -15.15
N LEU B 141 -6.05 -9.63 -14.70
CA LEU B 141 -6.28 -11.02 -14.31
C LEU B 141 -5.53 -11.38 -13.03
N SER B 142 -5.34 -10.41 -12.14
CA SER B 142 -4.59 -10.65 -10.93
C SER B 142 -5.42 -11.43 -9.92
N SER B 143 -4.73 -12.02 -8.95
CA SER B 143 -5.36 -12.71 -7.81
C SER B 143 -6.38 -13.75 -8.28
N ASN B 144 -5.89 -14.70 -9.08
CA ASN B 144 -6.73 -15.80 -9.53
C ASN B 144 -6.10 -17.14 -9.20
N GLN B 145 -6.68 -18.23 -9.70
CA GLN B 145 -6.15 -19.56 -9.49
C GLN B 145 -5.55 -20.14 -10.77
N ILE B 146 -5.24 -19.29 -11.75
CA ILE B 146 -4.66 -19.75 -13.00
C ILE B 146 -3.28 -20.33 -12.76
N THR B 147 -2.88 -21.26 -13.64
CA THR B 147 -1.55 -21.86 -13.58
C THR B 147 -0.78 -21.83 -14.88
N ASP B 148 -1.45 -21.63 -16.02
CA ASP B 148 -0.80 -21.58 -17.32
C ASP B 148 -1.39 -20.45 -18.13
N ILE B 149 -0.55 -19.82 -18.96
CA ILE B 149 -1.04 -18.83 -19.90
C ILE B 149 -0.59 -19.14 -21.33
N ALA B 150 -1.33 -20.02 -21.99
CA ALA B 150 -1.23 -20.24 -23.42
C ALA B 150 -2.11 -19.28 -24.23
N PRO B 151 -3.40 -19.14 -23.90
CA PRO B 151 -4.31 -18.46 -24.85
C PRO B 151 -4.00 -17.00 -25.08
N LEU B 152 -3.28 -16.34 -24.18
CA LEU B 152 -2.94 -14.94 -24.40
C LEU B 152 -1.89 -14.77 -25.49
N ALA B 153 -1.26 -15.85 -25.93
CA ALA B 153 -0.28 -15.75 -27.00
C ALA B 153 -0.91 -15.23 -28.28
N SER B 154 -2.08 -15.73 -28.63
CA SER B 154 -2.80 -15.24 -29.80
C SER B 154 -3.31 -13.82 -29.62
N LEU B 155 -3.35 -13.31 -28.39
CA LEU B 155 -3.87 -11.98 -28.11
C LEU B 155 -2.75 -10.96 -28.34
N LYS B 156 -2.86 -10.22 -29.44
CA LYS B 156 -1.91 -9.15 -29.72
C LYS B 156 -2.49 -7.83 -29.22
N SER B 157 -1.80 -6.73 -29.51
CA SER B 157 -2.28 -5.38 -29.25
C SER B 157 -2.60 -5.13 -27.78
N LEU B 158 -1.98 -5.89 -26.88
CA LEU B 158 -2.17 -5.68 -25.45
C LEU B 158 -1.13 -4.69 -24.95
N THR B 159 -1.60 -3.67 -24.21
CA THR B 159 -0.73 -2.64 -23.66
C THR B 159 -0.54 -2.74 -22.16
N GLU B 160 -1.59 -3.09 -21.41
CA GLU B 160 -1.51 -3.25 -19.96
C GLU B 160 -1.95 -4.66 -19.60
N LEU B 161 -1.06 -5.41 -18.94
CA LEU B 161 -1.37 -6.79 -18.56
C LEU B 161 -1.06 -6.99 -17.09
N SER B 162 -2.02 -7.56 -16.36
CA SER B 162 -1.84 -7.88 -14.95
C SER B 162 -2.18 -9.36 -14.72
N LEU B 163 -1.16 -10.20 -14.75
CA LEU B 163 -1.27 -11.62 -14.42
C LEU B 163 -0.40 -11.85 -13.19
N SER B 164 -0.94 -11.59 -12.01
CA SER B 164 -0.13 -11.59 -10.79
C SER B 164 -0.98 -12.00 -9.61
N GLY B 165 -0.59 -13.07 -8.94
CA GLY B 165 -1.36 -13.60 -7.83
C GLY B 165 -1.90 -14.97 -8.15
N ASN B 166 -1.21 -15.66 -9.05
CA ASN B 166 -1.63 -16.96 -9.55
C ASN B 166 -0.52 -17.99 -9.35
N ASN B 167 -0.68 -19.16 -9.95
CA ASN B 167 0.32 -20.22 -9.88
C ASN B 167 1.10 -20.34 -11.19
N ILE B 168 1.38 -19.22 -11.82
CA ILE B 168 2.03 -19.23 -13.13
C ILE B 168 3.51 -19.53 -12.94
N SER B 169 4.01 -20.49 -13.72
CA SER B 169 5.43 -20.83 -13.74
C SER B 169 6.07 -20.60 -15.10
N ASP B 170 5.42 -21.03 -16.17
CA ASP B 170 5.85 -20.70 -17.52
C ASP B 170 5.26 -19.37 -17.96
N ILE B 171 6.07 -18.57 -18.64
CA ILE B 171 5.64 -17.24 -19.07
C ILE B 171 6.04 -17.03 -20.53
N ALA B 172 6.57 -18.09 -21.15
CA ALA B 172 7.09 -18.00 -22.51
C ALA B 172 6.11 -17.39 -23.52
N PRO B 173 4.81 -17.71 -23.52
CA PRO B 173 3.92 -17.10 -24.52
C PRO B 173 3.82 -15.59 -24.45
N LEU B 174 4.17 -14.96 -23.32
CA LEU B 174 4.22 -13.50 -23.30
C LEU B 174 5.21 -12.94 -24.31
N GLU B 175 6.20 -13.74 -24.72
CA GLU B 175 7.09 -13.32 -25.80
C GLU B 175 6.32 -12.99 -27.06
N SER B 176 5.28 -13.78 -27.38
CA SER B 176 4.47 -13.50 -28.55
C SER B 176 3.78 -12.14 -28.45
N LEU B 177 3.49 -11.70 -27.22
CA LEU B 177 2.89 -10.40 -26.99
C LEU B 177 4.00 -9.35 -26.95
N LYS B 178 4.10 -8.52 -28.00
CA LYS B 178 5.04 -7.40 -27.96
C LYS B 178 4.28 -6.13 -28.36
N SER B 179 3.50 -5.62 -27.42
CA SER B 179 3.03 -4.25 -27.45
C SER B 179 2.89 -3.68 -26.06
N LEU B 180 3.26 -4.40 -25.02
CA LEU B 180 2.85 -4.09 -23.66
C LEU B 180 3.61 -2.89 -23.11
N THR B 181 2.99 -2.21 -22.15
CA THR B 181 3.58 -1.08 -21.46
C THR B 181 3.76 -1.32 -19.97
N GLU B 182 2.76 -1.88 -19.30
CA GLU B 182 2.85 -2.25 -17.89
C GLU B 182 2.64 -3.75 -17.76
N LEU B 183 3.55 -4.41 -17.04
CA LEU B 183 3.44 -5.85 -16.79
C LEU B 183 3.49 -6.13 -15.30
N SER B 184 2.40 -6.69 -14.79
CA SER B 184 2.32 -7.14 -13.40
C SER B 184 2.46 -8.65 -13.39
N LEU B 185 3.57 -9.13 -12.82
CA LEU B 185 3.89 -10.56 -12.77
C LEU B 185 4.50 -10.82 -11.40
N SER B 186 3.65 -11.14 -10.43
CA SER B 186 4.09 -11.16 -9.04
C SER B 186 3.20 -12.09 -8.23
N SER B 187 3.68 -12.46 -7.05
CA SER B 187 2.98 -13.42 -6.18
C SER B 187 2.70 -14.72 -6.91
N ASN B 188 3.67 -15.16 -7.70
CA ASN B 188 3.57 -16.37 -8.50
C ASN B 188 4.75 -17.28 -8.19
N GLN B 189 4.94 -18.33 -8.99
CA GLN B 189 6.09 -19.21 -8.87
C GLN B 189 6.89 -19.12 -10.16
N ILE B 190 7.75 -18.11 -10.25
CA ILE B 190 8.55 -17.86 -11.45
C ILE B 190 10.02 -17.95 -11.09
N THR B 191 10.80 -18.56 -11.99
CA THR B 191 12.23 -18.70 -11.81
C THR B 191 13.05 -18.11 -12.96
N ASP B 192 12.55 -18.16 -14.18
CA ASP B 192 13.27 -17.68 -15.35
C ASP B 192 12.48 -16.57 -16.03
N ILE B 193 13.13 -15.44 -16.26
CA ILE B 193 12.51 -14.29 -16.90
C ILE B 193 13.08 -14.08 -18.31
N ALA B 194 13.72 -15.12 -18.86
CA ALA B 194 14.30 -15.03 -20.19
C ALA B 194 13.32 -14.55 -21.26
N PRO B 195 12.04 -14.95 -21.26
CA PRO B 195 11.11 -14.38 -22.25
C PRO B 195 11.05 -12.86 -22.24
N LEU B 196 11.18 -12.22 -21.09
CA LEU B 196 11.02 -10.76 -20.99
C LEU B 196 12.28 -10.04 -21.48
N ALA B 197 12.66 -10.34 -22.72
CA ALA B 197 13.82 -9.73 -23.35
C ALA B 197 13.44 -8.92 -24.58
N SER B 198 12.63 -9.48 -25.48
CA SER B 198 12.25 -8.77 -26.69
C SER B 198 11.30 -7.61 -26.43
N LEU B 199 10.69 -7.54 -25.24
CA LEU B 199 9.90 -6.36 -24.90
C LEU B 199 10.79 -5.13 -24.82
N LYS B 200 10.31 -4.02 -25.36
CA LYS B 200 11.01 -2.75 -25.25
C LYS B 200 10.13 -1.57 -24.90
N SER B 201 8.81 -1.69 -25.03
CA SER B 201 7.90 -0.60 -24.71
C SER B 201 7.48 -0.61 -23.24
N LEU B 202 7.95 -1.57 -22.46
CA LEU B 202 7.53 -1.70 -21.07
C LEU B 202 8.12 -0.58 -20.23
N THR B 203 7.29 0.03 -19.39
CA THR B 203 7.72 1.09 -18.48
C THR B 203 7.64 0.69 -17.02
N GLU B 204 6.63 -0.08 -16.64
CA GLU B 204 6.48 -0.55 -15.26
C GLU B 204 6.52 -2.06 -15.23
N LEU B 205 7.39 -2.61 -14.39
CA LEU B 205 7.52 -4.05 -14.22
C LEU B 205 7.42 -4.38 -12.74
N SER B 206 6.46 -5.24 -12.40
CA SER B 206 6.27 -5.65 -11.01
C SER B 206 6.53 -7.15 -10.89
N LEU B 207 7.81 -7.52 -10.75
CA LEU B 207 8.20 -8.90 -10.50
C LEU B 207 8.49 -9.09 -9.02
N SER B 208 7.42 -9.03 -8.23
CA SER B 208 7.50 -9.21 -6.79
C SER B 208 7.63 -10.69 -6.46
N SER B 209 7.31 -11.07 -5.22
CA SER B 209 7.71 -12.32 -4.59
C SER B 209 7.71 -13.49 -5.57
N ASN B 210 8.88 -14.10 -5.72
CA ASN B 210 9.15 -15.17 -6.68
C ASN B 210 10.50 -15.76 -6.34
N GLN B 211 10.83 -16.88 -6.97
CA GLN B 211 12.16 -17.47 -6.84
C GLN B 211 13.03 -17.07 -8.03
N ILE B 212 13.33 -15.78 -8.11
CA ILE B 212 14.21 -15.23 -9.13
C ILE B 212 15.57 -14.94 -8.50
N SER B 213 16.63 -15.35 -9.19
CA SER B 213 17.98 -15.09 -8.70
C SER B 213 18.95 -14.70 -9.80
N ASP B 214 18.50 -14.55 -11.05
CA ASP B 214 19.38 -14.21 -12.18
C ASP B 214 18.60 -13.28 -13.10
N ILE B 215 18.79 -11.98 -12.92
CA ILE B 215 18.10 -10.98 -13.75
C ILE B 215 18.99 -10.76 -14.95
N ALA B 216 18.91 -11.68 -15.91
CA ALA B 216 19.75 -11.64 -17.10
C ALA B 216 19.21 -10.73 -18.20
N PRO B 217 17.93 -10.82 -18.59
CA PRO B 217 17.48 -10.09 -19.78
C PRO B 217 17.01 -8.66 -19.53
N LEU B 218 16.90 -8.22 -18.28
CA LEU B 218 16.36 -6.89 -18.02
C LEU B 218 17.26 -5.78 -18.56
N GLU B 219 18.54 -6.08 -18.77
CA GLU B 219 19.42 -5.12 -19.45
C GLU B 219 18.83 -4.68 -20.78
N SER B 220 18.14 -5.58 -21.47
CA SER B 220 17.56 -5.25 -22.77
C SER B 220 16.53 -4.13 -22.63
N LEU B 221 15.75 -4.15 -21.55
CA LEU B 221 14.78 -3.08 -21.33
C LEU B 221 15.50 -1.77 -21.04
N LYS B 222 14.93 -0.67 -21.53
CA LYS B 222 15.53 0.64 -21.34
C LYS B 222 14.57 1.75 -20.95
N SER B 223 13.26 1.58 -21.12
CA SER B 223 12.30 2.64 -20.84
C SER B 223 11.61 2.45 -19.49
N LEU B 224 12.07 1.50 -18.69
CA LEU B 224 11.42 1.25 -17.40
C LEU B 224 11.59 2.44 -16.47
N THR B 225 10.53 2.76 -15.75
CA THR B 225 10.57 3.77 -14.70
C THR B 225 10.25 3.24 -13.32
N GLU B 226 9.57 2.10 -13.22
CA GLU B 226 9.27 1.47 -11.93
C GLU B 226 9.65 0.00 -12.01
N LEU B 227 10.50 -0.44 -11.09
CA LEU B 227 10.96 -1.82 -11.03
C LEU B 227 10.78 -2.35 -9.61
N GLN B 228 9.79 -3.21 -9.43
CA GLN B 228 9.52 -3.80 -8.11
C GLN B 228 10.03 -5.23 -8.10
N LEU B 229 11.09 -5.47 -7.32
CA LEU B 229 11.74 -6.77 -7.20
C LEU B 229 12.07 -6.99 -5.73
N SER B 230 11.14 -7.63 -5.01
CA SER B 230 11.26 -7.78 -3.57
C SER B 230 10.83 -9.18 -3.16
N ARG B 231 11.32 -9.60 -1.98
CA ARG B 231 11.09 -10.94 -1.44
C ARG B 231 11.46 -12.00 -2.47
N ASN B 232 12.74 -11.97 -2.86
CA ASN B 232 13.29 -12.88 -3.84
C ASN B 232 14.62 -13.43 -3.32
N GLN B 233 15.39 -14.06 -4.20
CA GLN B 233 16.67 -14.64 -3.81
C GLN B 233 17.79 -14.11 -4.69
N ILE B 234 17.73 -12.83 -5.04
CA ILE B 234 18.73 -12.23 -5.91
C ILE B 234 19.94 -11.81 -5.10
N SER B 235 21.11 -11.80 -5.74
CA SER B 235 22.35 -11.41 -5.08
C SER B 235 23.20 -10.41 -5.84
N ASP B 236 23.06 -10.30 -7.17
CA ASP B 236 23.90 -9.43 -7.98
C ASP B 236 23.02 -8.42 -8.70
N ILE B 237 23.33 -7.13 -8.54
CA ILE B 237 22.58 -6.05 -9.15
C ILE B 237 23.39 -5.31 -10.19
N ALA B 238 24.56 -5.83 -10.56
CA ALA B 238 25.33 -5.26 -11.66
C ALA B 238 24.52 -5.10 -12.95
N PRO B 239 23.63 -6.02 -13.32
CA PRO B 239 22.78 -5.78 -14.49
C PRO B 239 22.01 -4.46 -14.44
N LEU B 240 21.62 -3.99 -13.27
CA LEU B 240 20.89 -2.72 -13.19
C LEU B 240 21.80 -1.51 -13.33
N GLU B 241 23.12 -1.69 -13.39
CA GLU B 241 24.02 -0.56 -13.46
C GLU B 241 23.85 0.23 -14.75
N SER B 242 23.63 -0.47 -15.86
CA SER B 242 23.53 0.21 -17.16
C SER B 242 22.34 1.15 -17.20
N LEU B 243 21.20 0.71 -16.68
CA LEU B 243 19.96 1.47 -16.81
C LEU B 243 19.94 2.63 -15.83
N LYS B 244 19.81 3.86 -16.35
CA LYS B 244 19.52 5.02 -15.50
C LYS B 244 18.33 5.75 -16.11
N SER B 245 17.14 5.22 -15.86
CA SER B 245 15.90 5.94 -16.11
C SER B 245 14.84 5.63 -15.08
N LEU B 246 15.14 4.83 -14.07
CA LEU B 246 14.13 4.33 -13.14
C LEU B 246 13.90 5.37 -12.05
N THR B 247 12.65 5.86 -11.96
CA THR B 247 12.31 6.75 -10.86
C THR B 247 12.25 5.99 -9.55
N GLU B 248 11.76 4.75 -9.58
CA GLU B 248 11.69 3.93 -8.39
C GLU B 248 12.16 2.51 -8.70
N LEU B 249 13.11 2.03 -7.90
CA LEU B 249 13.58 0.66 -7.96
C LEU B 249 13.60 0.13 -6.53
N GLN B 250 12.73 -0.84 -6.24
CA GLN B 250 12.64 -1.39 -4.89
C GLN B 250 13.38 -2.72 -4.84
N LEU B 251 14.35 -2.81 -3.93
CA LEU B 251 15.06 -4.06 -3.65
C LEU B 251 14.97 -4.29 -2.15
N SER B 252 13.85 -4.86 -1.73
CA SER B 252 13.61 -5.26 -0.35
C SER B 252 14.19 -6.64 -0.15
N SER B 253 13.72 -7.38 0.87
CA SER B 253 14.35 -8.58 1.39
C SER B 253 14.98 -9.43 0.30
N ASN B 254 16.28 -9.67 0.44
CA ASN B 254 17.11 -10.37 -0.54
C ASN B 254 18.42 -10.70 0.16
N GLN B 255 19.41 -11.15 -0.61
CA GLN B 255 20.76 -11.40 -0.09
C GLN B 255 21.75 -10.70 -1.02
N ILE B 256 22.00 -9.43 -0.77
CA ILE B 256 22.92 -8.62 -1.56
C ILE B 256 23.99 -8.04 -0.65
N THR B 257 25.22 -7.94 -1.15
CA THR B 257 26.34 -7.41 -0.39
C THR B 257 26.98 -6.18 -1.01
N ASP B 258 26.74 -5.89 -2.29
CA ASP B 258 27.37 -4.78 -2.99
C ASP B 258 26.30 -3.91 -3.62
N ILE B 259 26.47 -2.59 -3.52
CA ILE B 259 25.48 -1.65 -4.06
C ILE B 259 26.16 -0.63 -4.96
N ALA B 260 27.43 -0.86 -5.28
CA ALA B 260 28.14 0.00 -6.22
C ALA B 260 27.44 0.14 -7.56
N PRO B 261 26.85 -0.90 -8.18
CA PRO B 261 26.12 -0.68 -9.44
C PRO B 261 24.98 0.31 -9.30
N LEU B 262 24.42 0.49 -8.10
CA LEU B 262 23.36 1.46 -7.92
C LEU B 262 23.90 2.89 -8.02
N ALA B 263 25.17 3.08 -7.72
CA ALA B 263 25.77 4.42 -7.75
C ALA B 263 25.80 5.02 -9.14
N SER B 264 25.58 4.22 -10.18
CA SER B 264 25.48 4.72 -11.54
C SER B 264 24.14 5.41 -11.83
N LEU B 265 23.19 5.34 -10.91
CA LEU B 265 21.89 5.97 -11.10
C LEU B 265 21.88 7.34 -10.43
N LYS B 266 21.17 8.29 -11.05
CA LYS B 266 21.13 9.66 -10.56
C LYS B 266 19.73 10.26 -10.47
N SER B 267 18.75 9.75 -11.21
CA SER B 267 17.39 10.29 -11.17
C SER B 267 16.48 9.48 -10.27
N LEU B 268 17.02 8.55 -9.49
CA LEU B 268 16.21 7.71 -8.63
C LEU B 268 15.69 8.53 -7.46
N THR B 269 14.45 8.28 -7.07
CA THR B 269 13.78 9.08 -6.06
C THR B 269 13.57 8.35 -4.74
N GLU B 270 12.94 7.17 -4.77
CA GLU B 270 12.65 6.41 -3.56
C GLU B 270 13.36 5.07 -3.63
N LEU B 271 14.11 4.73 -2.57
CA LEU B 271 14.93 3.53 -2.54
C LEU B 271 14.68 2.79 -1.24
N GLN B 272 14.02 1.63 -1.34
CA GLN B 272 13.89 0.70 -0.21
C GLN B 272 14.96 -0.37 -0.37
N LEU B 273 15.90 -0.40 0.56
CA LEU B 273 17.01 -1.37 0.56
C LEU B 273 17.04 -1.99 1.95
N SER B 274 16.22 -3.02 2.16
CA SER B 274 15.97 -3.56 3.49
C SER B 274 16.39 -5.01 3.58
N ARG B 275 16.85 -5.40 4.76
CA ARG B 275 17.09 -6.79 5.14
C ARG B 275 18.03 -7.47 4.14
N ASN B 276 19.27 -6.98 4.13
CA ASN B 276 20.30 -7.54 3.26
C ASN B 276 21.61 -7.70 4.01
N GLN B 277 22.69 -7.98 3.28
CA GLN B 277 24.01 -8.11 3.85
C GLN B 277 24.96 -7.04 3.29
N ILE B 278 24.40 -5.88 2.92
CA ILE B 278 25.20 -4.79 2.37
C ILE B 278 26.08 -4.21 3.47
N SER B 279 27.36 -4.01 3.16
CA SER B 279 28.34 -3.61 4.16
C SER B 279 28.57 -2.10 4.20
N ASP B 280 28.79 -1.48 3.03
CA ASP B 280 29.05 -0.04 2.96
C ASP B 280 28.05 0.61 2.03
N ILE B 281 27.60 1.81 2.40
CA ILE B 281 26.62 2.56 1.63
C ILE B 281 27.26 3.76 0.93
N ALA B 282 28.60 3.77 0.82
CA ALA B 282 29.27 4.84 0.10
C ALA B 282 28.76 5.06 -1.32
N PRO B 283 28.44 4.02 -2.13
CA PRO B 283 27.86 4.28 -3.45
C PRO B 283 26.62 5.16 -3.42
N LEU B 284 25.91 5.20 -2.29
CA LEU B 284 24.83 6.17 -2.16
C LEU B 284 25.39 7.52 -1.72
N GLU B 285 26.41 8.01 -2.42
CA GLU B 285 26.99 9.31 -2.15
C GLU B 285 26.79 10.30 -3.29
N SER B 286 26.21 9.88 -4.41
CA SER B 286 25.99 10.74 -5.56
C SER B 286 24.52 10.87 -5.93
N LEU B 287 23.61 10.22 -5.20
CA LEU B 287 22.19 10.29 -5.49
C LEU B 287 21.56 11.40 -4.66
N ASN B 288 21.77 12.63 -5.11
CA ASN B 288 21.34 13.81 -4.37
C ASN B 288 19.83 14.04 -4.44
N SER B 289 19.10 13.30 -5.28
CA SER B 289 17.67 13.51 -5.44
C SER B 289 16.84 12.52 -4.65
N LEU B 290 17.48 11.68 -3.82
CA LEU B 290 16.73 10.70 -3.03
C LEU B 290 15.83 11.40 -2.03
N SER B 291 14.54 11.07 -2.06
CA SER B 291 13.60 11.59 -1.08
C SER B 291 13.27 10.60 0.02
N LYS B 292 13.29 9.30 -0.28
CA LYS B 292 13.02 8.25 0.70
C LYS B 292 14.10 7.20 0.62
N LEU B 293 14.67 6.85 1.77
CA LEU B 293 15.69 5.80 1.85
C LEU B 293 15.34 4.87 3.01
N TRP B 294 15.25 3.58 2.71
CA TRP B 294 14.94 2.55 3.70
C TRP B 294 16.10 1.58 3.73
N LEU B 295 16.91 1.64 4.79
CA LEU B 295 18.13 0.84 4.89
C LEU B 295 18.15 -0.03 6.14
N ASN B 296 17.00 -0.33 6.72
CA ASN B 296 16.97 -0.99 8.02
C ASN B 296 17.40 -2.46 7.92
N GLY B 297 17.78 -3.01 9.06
CA GLY B 297 18.10 -4.43 9.17
C GLY B 297 19.27 -4.89 8.32
N ASN B 298 20.39 -4.17 8.38
CA ASN B 298 21.57 -4.53 7.61
C ASN B 298 22.80 -4.43 8.49
N GLN B 299 23.92 -4.96 7.99
CA GLN B 299 25.21 -4.88 8.68
C GLN B 299 26.02 -3.76 8.04
N ILE B 300 25.72 -2.54 8.45
CA ILE B 300 26.41 -1.34 8.00
C ILE B 300 26.94 -0.62 9.24
N THR B 301 28.06 0.09 9.07
CA THR B 301 28.75 0.69 10.21
C THR B 301 28.76 2.21 10.17
N ASP B 302 29.13 2.82 9.05
CA ASP B 302 29.37 4.26 8.98
C ASP B 302 28.28 4.94 8.16
N ILE B 303 27.75 6.03 8.71
CA ILE B 303 26.74 6.84 8.01
C ILE B 303 27.33 8.08 7.35
N ALA B 304 28.64 8.30 7.50
CA ALA B 304 29.26 9.49 6.94
C ALA B 304 29.04 9.67 5.44
N PRO B 305 29.15 8.64 4.59
CA PRO B 305 28.89 8.84 3.15
C PRO B 305 27.48 9.32 2.86
N LEU B 306 26.54 9.18 3.80
CA LEU B 306 25.18 9.65 3.60
C LEU B 306 25.03 11.13 3.97
N ALA B 307 26.14 11.82 4.20
CA ALA B 307 26.12 13.23 4.57
C ALA B 307 26.10 14.15 3.35
N SER B 308 25.64 13.66 2.20
CA SER B 308 25.61 14.46 0.98
C SER B 308 24.32 14.24 0.20
N LEU B 309 23.22 13.97 0.88
CA LEU B 309 21.92 13.70 0.27
C LEU B 309 20.85 14.57 0.88
N ASN B 310 21.11 15.88 0.95
CA ASN B 310 20.28 16.82 1.68
C ASN B 310 18.82 16.85 1.23
N SER B 311 18.47 16.16 0.16
CA SER B 311 17.09 16.08 -0.31
C SER B 311 16.31 14.96 0.36
N LEU B 312 16.92 14.19 1.24
CA LEU B 312 16.22 13.10 1.91
C LEU B 312 15.11 13.65 2.79
N THR B 313 14.04 12.86 2.92
CA THR B 313 12.91 13.23 3.75
C THR B 313 12.51 12.11 4.69
N GLU B 314 12.79 10.86 4.29
CA GLU B 314 12.51 9.69 5.09
C GLU B 314 13.76 8.82 5.15
N LEU B 315 14.16 8.42 6.35
CA LEU B 315 15.36 7.62 6.55
C LEU B 315 15.08 6.50 7.52
N GLU B 316 15.19 5.26 7.05
CA GLU B 316 15.05 4.08 7.89
C GLU B 316 16.40 3.39 7.99
N LEU B 317 17.03 3.49 9.16
CA LEU B 317 18.34 2.90 9.40
C LEU B 317 18.34 1.93 10.57
N SER B 318 17.17 1.43 10.96
CA SER B 318 17.03 0.64 12.17
C SER B 318 17.77 -0.69 12.05
N SER B 319 18.10 -1.27 13.21
CA SER B 319 18.71 -2.59 13.31
C SER B 319 20.00 -2.68 12.48
N ASN B 320 20.86 -1.70 12.65
CA ASN B 320 22.16 -1.66 11.98
C ASN B 320 23.25 -1.36 13.00
N GLN B 321 24.49 -1.56 12.57
CA GLN B 321 25.64 -1.41 13.47
C GLN B 321 26.26 -0.03 13.30
N ILE B 322 25.46 0.99 13.61
CA ILE B 322 25.91 2.38 13.60
C ILE B 322 25.97 2.87 15.04
N THR B 323 27.08 3.53 15.39
CA THR B 323 27.31 4.07 16.72
C THR B 323 27.35 5.60 16.75
N ASP B 324 28.00 6.22 15.77
CA ASP B 324 28.14 7.67 15.73
C ASP B 324 27.11 8.25 14.77
N ILE B 325 26.28 9.17 15.26
CA ILE B 325 25.23 9.78 14.46
C ILE B 325 25.63 11.14 13.90
N ALA B 326 26.82 11.64 14.25
CA ALA B 326 27.22 13.00 13.90
C ALA B 326 27.09 13.32 12.41
N PRO B 327 27.60 12.49 11.48
CA PRO B 327 27.42 12.85 10.06
C PRO B 327 26.01 12.58 9.60
N LEU B 328 25.05 12.96 10.44
CA LEU B 328 23.65 13.08 10.06
C LEU B 328 23.11 14.46 10.35
N ALA B 329 23.94 15.37 10.89
CA ALA B 329 23.48 16.72 11.18
C ALA B 329 23.36 17.59 9.94
N SER B 330 24.01 17.21 8.84
CA SER B 330 23.94 18.04 7.63
C SER B 330 22.53 18.06 7.06
N LEU B 331 21.86 16.91 7.03
CA LEU B 331 20.50 16.84 6.51
C LEU B 331 19.56 17.69 7.37
N LYS B 332 18.71 18.47 6.71
CA LYS B 332 17.77 19.36 7.39
C LYS B 332 16.32 19.06 7.07
N SER B 333 16.01 18.62 5.86
CA SER B 333 14.63 18.35 5.46
C SER B 333 14.24 16.90 5.72
N LEU B 334 14.49 16.42 6.94
CA LEU B 334 14.16 15.06 7.32
C LEU B 334 12.91 15.06 8.17
N SER B 335 12.04 14.08 7.94
CA SER B 335 10.78 14.00 8.66
C SER B 335 10.61 12.72 9.48
N THR B 336 11.15 11.59 9.00
CA THR B 336 11.12 10.33 9.72
C THR B 336 12.53 9.78 9.84
N LEU B 337 12.86 9.26 11.01
CA LEU B 337 14.21 8.75 11.28
C LEU B 337 14.08 7.51 12.17
N TRP B 338 14.19 6.34 11.57
CA TRP B 338 14.15 5.07 12.28
C TRP B 338 15.55 4.48 12.25
N LEU B 339 16.26 4.55 13.39
CA LEU B 339 17.57 3.94 13.53
C LEU B 339 17.67 3.21 14.86
N SER B 340 16.58 2.59 15.28
CA SER B 340 16.57 1.83 16.52
C SER B 340 17.32 0.51 16.36
N SER B 341 17.50 -0.18 17.48
CA SER B 341 18.27 -1.44 17.53
C SER B 341 19.68 -1.25 16.99
N ASN B 342 20.34 -0.17 17.39
CA ASN B 342 21.71 0.15 17.01
C ASN B 342 22.53 0.34 18.28
N GLN B 343 23.76 0.81 18.13
CA GLN B 343 24.62 1.12 19.28
C GLN B 343 24.97 2.60 19.38
N ILE B 344 23.99 3.47 19.20
CA ILE B 344 24.23 4.91 19.36
C ILE B 344 24.29 5.24 20.85
N SER B 345 25.08 6.26 21.19
CA SER B 345 25.31 6.63 22.57
C SER B 345 24.74 8.00 22.93
N ASP B 346 25.13 9.04 22.19
CA ASP B 346 24.64 10.39 22.44
C ASP B 346 23.86 10.89 21.23
N ILE B 347 22.87 11.74 21.49
CA ILE B 347 21.99 12.23 20.44
C ILE B 347 22.15 13.74 20.27
N ALA B 348 23.34 14.25 20.57
CA ALA B 348 23.60 15.67 20.33
C ALA B 348 23.52 16.05 18.86
N PRO B 349 24.24 15.38 17.91
CA PRO B 349 24.26 15.83 16.52
C PRO B 349 22.96 15.50 15.79
N LEU B 350 21.84 15.75 16.46
CA LEU B 350 20.52 15.74 15.84
C LEU B 350 19.73 16.96 16.24
N ALA B 351 20.27 17.81 17.12
CA ALA B 351 19.54 18.99 17.59
C ALA B 351 19.25 19.97 16.46
N SER B 352 19.94 19.85 15.32
CA SER B 352 19.72 20.71 14.18
C SER B 352 18.70 20.15 13.20
N LEU B 353 18.11 18.99 13.49
CA LEU B 353 17.13 18.37 12.60
C LEU B 353 15.75 18.95 12.91
N GLU B 354 15.58 20.22 12.53
CA GLU B 354 14.39 20.98 12.92
C GLU B 354 13.11 20.45 12.29
N SER B 355 13.20 19.65 11.24
CA SER B 355 12.02 19.20 10.50
C SER B 355 11.57 17.80 10.89
N LEU B 356 12.19 17.16 11.89
CA LEU B 356 11.86 15.79 12.21
C LEU B 356 10.44 15.69 12.75
N SER B 357 9.78 14.56 12.45
CA SER B 357 8.41 14.35 12.87
C SER B 357 8.15 12.95 13.41
N GLU B 358 9.13 12.06 13.41
CA GLU B 358 8.97 10.70 13.91
C GLU B 358 10.36 10.11 14.09
N LEU B 359 10.62 9.56 15.27
CA LEU B 359 11.94 9.02 15.60
C LEU B 359 11.81 7.64 16.21
N SER B 360 12.82 6.82 15.97
CA SER B 360 12.94 5.49 16.58
C SER B 360 14.38 5.33 17.06
N LEU B 361 14.60 5.56 18.35
CA LEU B 361 15.91 5.49 18.97
C LEU B 361 16.00 4.38 20.01
N SER B 362 15.23 3.31 19.83
CA SER B 362 15.12 2.27 20.85
C SER B 362 16.18 1.20 20.68
N SER B 363 16.34 0.40 21.75
CA SER B 363 17.25 -0.75 21.76
C SER B 363 18.69 -0.35 21.45
N ASN B 364 19.10 0.82 21.95
CA ASN B 364 20.47 1.29 21.86
C ASN B 364 21.03 1.50 23.26
N GLN B 365 22.31 1.83 23.33
CA GLN B 365 22.96 2.17 24.60
C GLN B 365 23.04 3.68 24.71
N ILE B 366 21.90 4.29 25.05
CA ILE B 366 21.78 5.73 25.20
C ILE B 366 21.46 6.04 26.65
N SER B 367 22.24 6.95 27.25
CA SER B 367 22.04 7.35 28.64
C SER B 367 21.47 8.75 28.79
N ASP B 368 21.92 9.70 28.00
CA ASP B 368 21.47 11.08 28.08
C ASP B 368 20.53 11.40 26.91
N ILE B 369 19.35 11.92 27.24
CA ILE B 369 18.37 12.30 26.24
C ILE B 369 18.33 13.81 26.01
N SER B 370 18.89 14.60 26.92
CA SER B 370 18.84 16.06 26.90
C SER B 370 19.06 16.72 25.54
N PRO B 371 20.02 16.30 24.70
CA PRO B 371 20.25 17.03 23.44
C PRO B 371 19.03 17.15 22.55
N LEU B 372 18.19 16.12 22.46
CA LEU B 372 16.98 16.19 21.64
C LEU B 372 15.97 17.06 22.38
N ALA B 373 16.20 18.37 22.31
CA ALA B 373 15.40 19.33 23.05
C ALA B 373 14.79 20.39 22.14
N SER B 374 15.56 20.85 21.16
CA SER B 374 15.09 21.88 20.24
C SER B 374 14.19 21.31 19.15
N LEU B 375 14.12 19.99 18.99
CA LEU B 375 13.31 19.37 17.95
C LEU B 375 11.85 19.38 18.37
N ASN B 376 11.27 20.58 18.32
CA ASN B 376 9.87 20.76 18.69
C ASN B 376 8.90 20.13 17.70
N SER B 377 9.36 19.80 16.50
CA SER B 377 8.49 19.29 15.45
C SER B 377 8.24 17.79 15.54
N LEU B 378 8.82 17.11 16.54
CA LEU B 378 8.71 15.67 16.63
C LEU B 378 7.28 15.26 16.98
N THR B 379 6.68 14.44 16.11
CA THR B 379 5.38 13.83 16.37
C THR B 379 5.50 12.33 16.63
N GLY B 380 6.72 11.82 16.76
CA GLY B 380 6.94 10.45 17.17
C GLY B 380 8.33 10.26 17.74
N PHE B 381 8.44 9.68 18.93
CA PHE B 381 9.73 9.47 19.57
C PHE B 381 9.66 8.20 20.39
N ASP B 382 10.61 7.29 20.17
CA ASP B 382 10.53 5.94 20.72
C ASP B 382 11.93 5.53 21.19
N VAL B 383 12.11 5.46 22.51
CA VAL B 383 13.41 5.23 23.13
C VAL B 383 13.38 3.99 24.02
N ARG B 384 12.62 2.98 23.63
CA ARG B 384 12.48 1.78 24.43
C ARG B 384 13.81 1.02 24.57
N ARG B 385 13.93 0.27 25.65
CA ARG B 385 15.04 -0.67 25.85
C ARG B 385 16.40 0.02 25.79
N ASN B 386 16.54 1.13 26.50
CA ASN B 386 17.79 1.88 26.55
C ASN B 386 18.19 2.13 28.00
N PRO B 387 19.49 2.26 28.26
CA PRO B 387 19.92 2.52 29.66
C PRO B 387 19.85 4.00 30.03
N ILE B 388 18.62 4.52 30.12
CA ILE B 388 18.40 5.91 30.50
C ILE B 388 18.27 6.01 32.01
N LYS B 389 18.99 6.96 32.60
CA LYS B 389 19.00 7.13 34.05
C LYS B 389 18.19 8.33 34.52
N ARG B 390 18.28 9.47 33.85
CA ARG B 390 17.59 10.68 34.24
C ARG B 390 16.77 11.22 33.06
N LEU B 391 15.56 11.68 33.36
CA LEU B 391 14.68 12.23 32.33
C LEU B 391 14.91 13.74 32.22
N PRO B 392 15.24 14.26 31.04
CA PRO B 392 15.51 15.70 30.93
C PRO B 392 14.23 16.53 30.90
N GLU B 393 14.39 17.80 31.24
CA GLU B 393 13.27 18.74 31.26
C GLU B 393 12.52 18.72 29.93
N THR B 394 13.26 18.85 28.83
CA THR B 394 12.63 18.94 27.52
C THR B 394 11.87 17.68 27.15
N ILE B 395 12.11 16.57 27.87
CA ILE B 395 11.36 15.35 27.58
C ILE B 395 9.88 15.55 27.86
N THR B 396 9.52 16.48 28.76
CA THR B 396 8.12 16.81 28.99
C THR B 396 7.70 18.09 28.28
N GLY B 397 8.56 18.63 27.42
CA GLY B 397 8.24 19.80 26.63
C GLY B 397 7.76 19.50 25.22
N PHE B 398 7.46 18.25 24.92
CA PHE B 398 7.02 17.84 23.59
C PHE B 398 5.51 17.65 23.57
N ASP B 399 4.90 17.94 22.42
CA ASP B 399 3.45 17.82 22.26
C ASP B 399 3.09 16.36 22.02
N MET B 400 3.27 15.56 23.06
CA MET B 400 3.00 14.13 23.01
C MET B 400 2.49 13.67 24.37
N GLU B 401 1.81 12.53 24.37
CA GLU B 401 1.47 11.82 25.59
C GLU B 401 2.42 10.65 25.77
N ILE B 402 2.53 10.18 27.02
CA ILE B 402 3.54 9.20 27.40
C ILE B 402 2.89 7.84 27.60
N LEU B 403 3.54 6.80 27.08
CA LEU B 403 3.08 5.42 27.25
C LEU B 403 4.26 4.56 27.65
N TRP B 404 3.99 3.58 28.52
CA TRP B 404 4.97 2.59 28.93
C TRP B 404 4.83 1.28 28.14
N ASN B 405 4.01 1.29 27.10
CA ASN B 405 3.75 0.07 26.35
C ASN B 405 4.95 -0.29 25.47
N ASP B 406 4.91 -1.51 24.94
CA ASP B 406 5.94 -2.02 24.05
C ASP B 406 5.69 -1.67 22.59
N PHE B 407 4.64 -0.91 22.30
CA PHE B 407 4.27 -0.61 20.92
C PHE B 407 4.87 0.72 20.48
N SER B 408 5.32 0.75 19.23
CA SER B 408 5.87 1.96 18.61
C SER B 408 4.73 2.67 17.89
N SER B 409 4.12 3.64 18.57
CA SER B 409 2.98 4.38 18.04
C SER B 409 3.37 5.83 17.78
N SER B 410 2.82 6.38 16.70
CA SER B 410 3.05 7.78 16.39
C SER B 410 2.29 8.68 17.35
N GLY B 411 2.80 9.90 17.54
CA GLY B 411 2.22 10.81 18.51
C GLY B 411 2.37 10.35 19.93
N PHE B 412 3.51 9.76 20.29
CA PHE B 412 3.66 9.16 21.59
C PHE B 412 5.13 9.19 22.03
N ILE B 413 5.34 9.41 23.32
CA ILE B 413 6.64 9.28 23.96
C ILE B 413 6.64 7.92 24.66
N THR B 414 7.53 7.03 24.24
CA THR B 414 7.47 5.64 24.67
C THR B 414 8.77 5.21 25.35
N PHE B 415 8.61 4.53 26.49
CA PHE B 415 9.72 3.86 27.18
C PHE B 415 9.30 2.44 27.53
N PHE B 416 10.27 1.54 27.51
CA PHE B 416 10.07 0.19 28.04
C PHE B 416 11.43 -0.41 28.40
N ASP B 417 11.45 -1.18 29.48
CA ASP B 417 12.66 -1.87 29.93
C ASP B 417 13.80 -0.89 30.16
N ASN B 418 13.53 0.14 30.95
CA ASN B 418 14.51 1.17 31.22
C ASN B 418 14.78 1.26 32.72
N PRO B 419 16.04 1.24 33.14
CA PRO B 419 16.36 1.43 34.57
C PRO B 419 16.13 2.86 35.03
N LEU B 420 14.86 3.28 35.01
CA LEU B 420 14.50 4.63 35.43
C LEU B 420 14.60 4.74 36.95
N GLU B 421 15.65 5.41 37.43
CA GLU B 421 15.90 5.48 38.88
C GLU B 421 15.29 6.73 39.50
N SER B 422 15.72 7.91 39.06
CA SER B 422 15.19 9.14 39.65
C SER B 422 13.70 9.31 39.38
N PRO B 423 13.19 9.20 38.16
CA PRO B 423 11.74 9.15 37.97
C PRO B 423 11.25 7.72 38.13
N PRO B 424 10.32 7.48 39.04
CA PRO B 424 9.79 6.12 39.23
C PRO B 424 9.12 5.62 37.95
N PRO B 425 9.27 4.34 37.63
CA PRO B 425 8.57 3.79 36.47
C PRO B 425 7.06 3.90 36.59
N GLU B 426 6.52 3.78 37.80
CA GLU B 426 5.09 3.98 38.00
C GLU B 426 4.71 5.43 37.72
N ILE B 427 5.56 6.37 38.12
CA ILE B 427 5.28 7.78 37.86
C ILE B 427 5.32 8.07 36.36
N VAL B 428 6.31 7.51 35.66
CA VAL B 428 6.45 7.77 34.24
C VAL B 428 5.40 7.02 33.43
N LYS B 429 4.83 5.94 33.96
CA LYS B 429 3.73 5.25 33.31
C LYS B 429 2.37 5.86 33.65
N GLN B 430 2.31 6.74 34.64
CA GLN B 430 1.05 7.41 34.94
C GLN B 430 0.68 8.39 33.82
N GLY B 431 1.63 9.16 33.34
CA GLY B 431 1.39 10.06 32.23
C GLY B 431 2.27 11.28 32.29
N LYS B 432 2.15 12.10 31.23
CA LYS B 432 2.95 13.31 31.13
C LYS B 432 2.64 14.30 32.25
N GLU B 433 1.35 14.44 32.59
CA GLU B 433 0.98 15.33 33.69
C GLU B 433 1.60 14.87 35.01
N ALA B 434 1.57 13.56 35.27
CA ALA B 434 2.19 13.02 36.47
C ALA B 434 3.70 13.24 36.47
N VAL B 435 4.35 13.06 35.31
CA VAL B 435 5.78 13.34 35.22
C VAL B 435 6.07 14.80 35.56
N ARG B 436 5.28 15.72 35.01
CA ARG B 436 5.45 17.13 35.28
C ARG B 436 5.23 17.48 36.75
N GLN B 437 4.19 16.93 37.39
CA GLN B 437 3.98 17.19 38.81
C GLN B 437 5.11 16.60 39.67
N TYR B 438 5.57 15.40 39.34
CA TYR B 438 6.70 14.82 40.07
C TYR B 438 7.93 15.70 39.95
N PHE B 439 8.23 16.17 38.74
CA PHE B 439 9.41 16.99 38.55
C PHE B 439 9.28 18.36 39.20
N GLN B 440 8.08 18.95 39.20
CA GLN B 440 7.90 20.22 39.89
C GLN B 440 8.00 20.06 41.41
N SER B 441 7.52 18.93 41.94
CA SER B 441 7.71 18.66 43.37
C SER B 441 9.18 18.49 43.69
N ILE B 442 9.93 17.80 42.82
CA ILE B 442 11.38 17.68 43.02
C ILE B 442 12.03 19.05 42.97
N GLU B 443 11.54 19.93 42.09
CA GLU B 443 12.05 21.29 42.02
C GLU B 443 11.79 22.05 43.31
N GLU B 444 10.59 21.88 43.88
CA GLU B 444 10.22 22.54 45.12
C GLU B 444 10.95 21.91 46.31
#